data_2QML
#
_entry.id   2QML
#
_cell.length_a   80.780
_cell.length_b   80.780
_cell.length_c   70.560
_cell.angle_alpha   90.000
_cell.angle_beta   90.000
_cell.angle_gamma   90.000
#
_symmetry.space_group_name_H-M   'P 41 21 2'
#
loop_
_entity.id
_entity.type
_entity.pdbx_description
1 polymer 'BH2621 protein'
2 non-polymer 'CHLORIDE ION'
3 non-polymer GLYCEROL
4 water water
#
_entity_poly.entity_id   1
_entity_poly.type   'polypeptide(L)'
_entity_poly.pdbx_seq_one_letter_code
;G(MSE)KCNDKLAPFEVFDHVVNKKLSFRHVT(MSE)DDVD(MSE)LHSW(MSE)HEEHVIPYWKLNIPLVDYKKHLQTF
LNDDHQTL(MSE)VGAINGVP(MSE)SYWESYWVKEDIIANYYPFEEHDQGIHLLIGPQEYLGQGLIYPLLLAI(MSE)Q
QKFQEPDTNTIVAEPDRRNKK(MSE)IHVFKKCGFQPVKEVELPDKIGLL(MSE)KCEQNVFEKRWSDWK(MSE)NKF
;
_entity_poly.pdbx_strand_id   A
#
# COMPACT_ATOMS: atom_id res chain seq x y z
N ASP A 6 6.22 -14.46 8.76
CA ASP A 6 5.91 -14.16 7.34
C ASP A 6 5.61 -12.67 7.14
N LYS A 7 5.77 -11.86 8.20
CA LYS A 7 5.36 -10.44 8.15
C LYS A 7 6.38 -9.54 7.50
N LEU A 8 5.91 -8.49 6.86
CA LEU A 8 6.78 -7.52 6.25
C LEU A 8 7.51 -6.79 7.35
N ALA A 9 8.83 -6.76 7.30
CA ALA A 9 9.59 -6.12 8.36
C ALA A 9 9.55 -4.60 8.33
N PRO A 10 9.68 -3.98 9.52
CA PRO A 10 9.84 -2.52 9.55
C PRO A 10 11.17 -2.10 8.93
N PHE A 11 11.18 -0.87 8.42
CA PHE A 11 12.35 -0.35 7.75
C PHE A 11 12.39 1.15 7.78
N GLU A 12 13.58 1.70 7.60
CA GLU A 12 13.80 3.12 7.51
C GLU A 12 14.81 3.40 6.40
N VAL A 13 14.45 4.30 5.50
CA VAL A 13 15.35 4.68 4.39
C VAL A 13 15.38 6.18 4.22
N PHE A 14 16.46 6.66 3.64
CA PHE A 14 16.53 8.04 3.22
C PHE A 14 16.08 8.08 1.77
N ASP A 15 15.32 9.09 1.41
CA ASP A 15 15.02 9.32 -0.01
C ASP A 15 15.61 10.66 -0.43
N HIS A 16 16.62 10.60 -1.28
CA HIS A 16 17.38 11.79 -1.64
C HIS A 16 16.59 12.65 -2.63
N VAL A 17 15.59 12.10 -3.31
CA VAL A 17 14.80 12.86 -4.26
C VAL A 17 13.92 13.90 -3.53
N VAL A 18 13.20 13.50 -2.50
CA VAL A 18 12.38 14.42 -1.71
C VAL A 18 13.14 14.93 -0.46
N ASN A 19 14.34 14.41 -0.25
CA ASN A 19 15.20 14.75 0.88
C ASN A 19 14.48 14.54 2.23
N LYS A 20 13.96 13.35 2.41
CA LYS A 20 13.25 12.98 3.61
C LYS A 20 13.65 11.59 4.08
N LYS A 21 13.47 11.38 5.38
CA LYS A 21 13.59 10.08 6.04
C LYS A 21 12.23 9.42 5.95
N LEU A 22 12.17 8.22 5.38
CA LEU A 22 10.95 7.44 5.28
C LEU A 22 11.07 6.29 6.27
N SER A 23 10.09 6.15 7.11
CA SER A 23 10.13 5.01 8.03
C SER A 23 8.76 4.35 8.17
N PHE A 24 8.83 3.04 8.19
CA PHE A 24 7.65 2.17 8.25
C PHE A 24 7.75 1.23 9.43
N ARG A 25 6.70 1.19 10.24
CA ARG A 25 6.65 0.36 11.42
C ARG A 25 5.36 -0.40 11.45
N HIS A 26 5.36 -1.47 12.22
CA HIS A 26 4.15 -2.24 12.44
C HIS A 26 3.16 -1.42 13.22
N VAL A 27 1.90 -1.51 12.78
CA VAL A 27 0.82 -0.94 13.53
C VAL A 27 0.65 -1.75 14.87
N THR A 28 0.20 -1.04 15.90
CA THR A 28 -0.16 -1.60 17.17
C THR A 28 -1.51 -1.04 17.61
N ASP A 30 -2.06 0.79 20.04
CA ASP A 30 -1.88 2.18 20.45
C ASP A 30 -2.16 3.16 19.32
N ASP A 31 -2.24 2.68 18.09
CA ASP A 31 -2.49 3.52 16.95
C ASP A 31 -3.95 3.66 16.62
N VAL A 32 -4.83 3.08 17.43
CA VAL A 32 -6.24 3.02 17.06
C VAL A 32 -6.89 4.39 16.93
N ASP A 33 -6.61 5.31 17.84
CA ASP A 33 -7.26 6.63 17.74
C ASP A 33 -6.79 7.39 16.48
N LEU A 35 -5.51 6.09 13.65
CA LEU A 35 -6.00 5.39 12.47
C LEU A 35 -7.51 5.66 12.27
N HIS A 36 -8.26 5.63 13.38
CA HIS A 36 -9.69 5.95 13.36
C HIS A 36 -9.96 7.35 12.79
N SER A 37 -9.14 8.33 13.17
CA SER A 37 -9.22 9.68 12.63
C SER A 37 -8.95 9.69 11.10
N TRP A 38 -7.94 8.97 10.67
CA TRP A 38 -7.66 8.88 9.24
C TRP A 38 -8.81 8.26 8.44
N HIS A 40 -11.85 8.60 9.00
CA HIS A 40 -12.91 9.57 8.92
C HIS A 40 -12.55 10.73 7.97
N GLU A 41 -11.40 10.70 7.32
CA GLU A 41 -11.06 11.75 6.37
C GLU A 41 -11.90 11.61 5.11
N GLU A 42 -12.33 12.74 4.55
CA GLU A 42 -13.21 12.73 3.37
C GLU A 42 -12.56 12.09 2.17
N HIS A 43 -11.25 12.22 2.00
CA HIS A 43 -10.58 11.59 0.86
C HIS A 43 -10.37 10.07 1.00
N VAL A 44 -10.56 9.55 2.21
CA VAL A 44 -10.36 8.14 2.51
C VAL A 44 -11.69 7.34 2.52
N ILE A 45 -12.73 7.94 3.07
CA ILE A 45 -14.03 7.29 3.28
C ILE A 45 -14.57 6.54 2.05
N PRO A 46 -14.57 7.20 0.87
CA PRO A 46 -15.19 6.49 -0.28
C PRO A 46 -14.52 5.20 -0.68
N TYR A 47 -13.23 5.06 -0.39
CA TYR A 47 -12.44 3.92 -0.80
C TYR A 47 -12.25 2.86 0.29
N TRP A 48 -12.33 3.26 1.54
CA TRP A 48 -12.10 2.38 2.69
C TRP A 48 -13.36 2.03 3.45
N LYS A 49 -14.33 2.95 3.52
CA LYS A 49 -15.62 2.70 4.12
C LYS A 49 -15.49 2.27 5.58
N LEU A 50 -14.55 2.88 6.31
CA LEU A 50 -14.32 2.55 7.73
C LEU A 50 -14.54 3.76 8.65
N ASN A 51 -15.44 4.66 8.22
CA ASN A 51 -15.87 5.78 9.03
C ASN A 51 -16.95 5.24 9.95
N ILE A 52 -16.48 4.51 10.94
CA ILE A 52 -17.29 3.82 11.92
C ILE A 52 -16.93 4.24 13.33
N PRO A 53 -17.80 3.94 14.31
CA PRO A 53 -17.50 4.26 15.71
C PRO A 53 -16.17 3.67 16.15
N LEU A 54 -15.48 4.41 17.02
CA LEU A 54 -14.19 3.99 17.57
C LEU A 54 -14.25 2.56 18.18
N VAL A 55 -15.32 2.21 18.88
CA VAL A 55 -15.46 0.88 19.47
C VAL A 55 -15.38 -0.22 18.41
N ASP A 56 -16.02 0.02 17.27
CA ASP A 56 -16.01 -0.94 16.18
C ASP A 56 -14.66 -0.95 15.49
N TYR A 57 -14.11 0.24 15.24
CA TYR A 57 -12.81 0.32 14.59
C TYR A 57 -11.76 -0.44 15.42
N LYS A 58 -11.80 -0.32 16.74
CA LYS A 58 -10.91 -1.08 17.63
C LYS A 58 -11.00 -2.60 17.37
N LYS A 59 -12.22 -3.11 17.30
N LYS A 59 -12.20 -3.12 17.30
CA LYS A 59 -12.48 -4.55 17.08
CA LYS A 59 -12.41 -4.51 17.07
C LYS A 59 -11.96 -4.97 15.70
C LYS A 59 -11.90 -4.93 15.71
N HIS A 60 -12.17 -4.13 14.71
CA HIS A 60 -11.66 -4.40 13.38
C HIS A 60 -10.12 -4.42 13.35
N LEU A 61 -9.51 -3.38 13.90
CA LEU A 61 -8.07 -3.29 13.90
C LEU A 61 -7.45 -4.49 14.61
N GLN A 62 -8.00 -4.87 15.75
CA GLN A 62 -7.53 -6.07 16.47
C GLN A 62 -7.59 -7.32 15.64
N THR A 63 -8.68 -7.52 14.90
CA THR A 63 -8.85 -8.68 14.07
C THR A 63 -7.76 -8.68 12.97
N PHE A 64 -7.55 -7.56 12.32
CA PHE A 64 -6.55 -7.44 11.25
C PHE A 64 -5.14 -7.62 11.76
N LEU A 65 -4.87 -7.16 12.97
CA LEU A 65 -3.53 -7.35 13.58
C LEU A 65 -3.25 -8.81 13.91
N ASN A 66 -4.30 -9.61 14.13
CA ASN A 66 -4.17 -11.04 14.41
C ASN A 66 -4.27 -11.91 13.14
N ASP A 67 -4.38 -11.29 11.95
CA ASP A 67 -4.54 -11.95 10.63
C ASP A 67 -3.17 -12.25 10.08
N ASP A 68 -2.94 -13.52 9.77
CA ASP A 68 -1.61 -13.97 9.39
C ASP A 68 -1.21 -13.80 7.93
N HIS A 69 -2.16 -13.49 7.05
CA HIS A 69 -1.81 -13.27 5.65
C HIS A 69 -1.42 -11.83 5.35
N GLN A 70 -1.45 -10.94 6.36
N GLN A 70 -1.36 -10.97 6.37
CA GLN A 70 -1.13 -9.55 6.12
CA GLN A 70 -1.10 -9.57 6.15
C GLN A 70 -0.33 -8.87 7.25
C GLN A 70 -0.31 -8.88 7.26
N THR A 71 0.31 -7.77 6.87
CA THR A 71 1.08 -6.90 7.75
C THR A 71 0.51 -5.50 7.61
N LEU A 72 0.15 -4.89 8.74
CA LEU A 72 -0.33 -3.50 8.80
C LEU A 72 0.82 -2.62 9.21
N VAL A 74 2.41 1.66 9.50
CA VAL A 74 2.30 3.09 9.49
C VAL A 74 3.54 3.54 8.75
N GLY A 75 3.42 4.45 7.78
CA GLY A 75 4.54 5.06 7.12
C GLY A 75 4.64 6.53 7.56
N ALA A 76 5.87 6.99 7.79
CA ALA A 76 6.15 8.30 8.31
C ALA A 76 7.20 9.03 7.48
N ILE A 77 7.12 10.36 7.47
N ILE A 77 7.09 10.37 7.49
CA ILE A 77 8.08 11.19 6.77
CA ILE A 77 7.99 11.29 6.80
C ILE A 77 8.68 12.07 7.85
C ILE A 77 8.67 12.09 7.88
N ASN A 78 9.99 11.94 8.03
CA ASN A 78 10.70 12.64 9.08
C ASN A 78 10.08 12.40 10.45
N GLY A 79 9.68 11.15 10.65
CA GLY A 79 9.08 10.71 11.88
C GLY A 79 7.59 10.95 12.09
N VAL A 80 6.98 11.81 11.25
CA VAL A 80 5.56 12.11 11.39
C VAL A 80 4.75 11.06 10.67
N PRO A 81 3.90 10.34 11.41
CA PRO A 81 3.11 9.26 10.83
C PRO A 81 2.02 9.87 9.94
N SER A 83 0.58 7.78 6.85
CA SER A 83 0.09 6.80 5.90
C SER A 83 -0.11 5.42 6.54
N TYR A 84 -1.04 4.69 6.01
CA TYR A 84 -1.42 3.37 6.49
C TYR A 84 -1.33 2.42 5.29
N TRP A 85 -0.85 1.22 5.59
CA TRP A 85 -0.52 0.23 4.59
C TRP A 85 -0.94 -1.15 5.05
N GLU A 86 -1.53 -1.91 4.14
CA GLU A 86 -1.79 -3.33 4.36
C GLU A 86 -1.03 -4.05 3.23
N SER A 87 -0.04 -4.79 3.63
CA SER A 87 0.77 -5.67 2.76
C SER A 87 0.27 -7.12 2.94
N TYR A 88 -0.06 -7.82 1.85
CA TYR A 88 -0.65 -9.14 1.97
C TYR A 88 -0.21 -10.13 0.89
N TRP A 89 -0.40 -11.43 1.19
CA TRP A 89 -0.20 -12.51 0.25
C TRP A 89 -1.47 -12.71 -0.53
N VAL A 90 -1.33 -12.70 -1.86
CA VAL A 90 -2.48 -12.86 -2.74
C VAL A 90 -3.19 -14.20 -2.44
N LYS A 91 -2.41 -15.28 -2.23
CA LYS A 91 -2.98 -16.61 -2.07
C LYS A 91 -4.07 -16.69 -1.02
N GLU A 92 -3.93 -15.90 0.04
CA GLU A 92 -4.91 -15.94 1.11
C GLU A 92 -5.89 -14.76 1.09
N ASP A 93 -5.95 -14.04 -0.03
CA ASP A 93 -6.74 -12.88 -0.16
C ASP A 93 -7.87 -13.09 -1.17
N ILE A 94 -8.92 -12.29 -1.05
CA ILE A 94 -10.05 -12.32 -1.98
C ILE A 94 -9.61 -12.12 -3.44
N ILE A 95 -8.54 -11.36 -3.66
CA ILE A 95 -8.16 -11.04 -5.05
C ILE A 95 -7.64 -12.28 -5.81
N ALA A 96 -7.20 -13.33 -5.10
CA ALA A 96 -6.76 -14.60 -5.69
C ALA A 96 -7.83 -15.21 -6.61
N ASN A 97 -9.10 -14.96 -6.31
CA ASN A 97 -10.20 -15.48 -7.12
C ASN A 97 -10.36 -14.84 -8.50
N TYR A 98 -9.67 -13.76 -8.78
CA TYR A 98 -9.89 -12.98 -9.99
C TYR A 98 -8.84 -13.09 -11.09
N TYR A 99 -7.72 -13.76 -10.83
CA TYR A 99 -6.70 -13.90 -11.84
C TYR A 99 -5.85 -15.14 -11.46
N PRO A 100 -5.09 -15.72 -12.42
CA PRO A 100 -4.26 -16.91 -12.19
C PRO A 100 -2.97 -16.53 -11.46
N PHE A 101 -3.13 -16.26 -10.17
CA PHE A 101 -2.04 -15.83 -9.31
C PHE A 101 -0.99 -16.92 -9.19
N GLU A 102 0.23 -16.47 -8.93
CA GLU A 102 1.34 -17.36 -8.58
C GLU A 102 1.44 -17.35 -7.06
N GLU A 103 1.93 -18.46 -6.54
CA GLU A 103 2.02 -18.75 -5.11
C GLU A 103 2.51 -17.63 -4.21
N HIS A 104 3.53 -16.90 -4.67
CA HIS A 104 4.17 -15.85 -3.85
C HIS A 104 3.82 -14.44 -4.28
N ASP A 105 2.77 -14.28 -5.08
CA ASP A 105 2.33 -12.95 -5.43
C ASP A 105 1.90 -12.22 -4.17
N GLN A 106 2.13 -10.91 -4.14
CA GLN A 106 1.75 -10.09 -3.04
C GLN A 106 0.84 -8.96 -3.54
N GLY A 107 0.16 -8.33 -2.59
CA GLY A 107 -0.67 -7.17 -2.82
C GLY A 107 -0.46 -6.06 -1.85
N ILE A 108 -1.00 -4.89 -2.17
CA ILE A 108 -0.85 -3.71 -1.35
C ILE A 108 -2.12 -2.88 -1.29
N HIS A 109 -2.48 -2.47 -0.09
CA HIS A 109 -3.52 -1.48 0.12
C HIS A 109 -2.85 -0.30 0.81
N LEU A 110 -3.29 0.93 0.54
CA LEU A 110 -2.66 2.11 1.15
C LEU A 110 -3.57 3.31 1.22
N LEU A 111 -3.21 4.24 2.10
CA LEU A 111 -3.86 5.54 2.21
C LEU A 111 -2.90 6.52 2.86
N ILE A 112 -3.04 7.79 2.49
CA ILE A 112 -2.44 8.93 3.16
C ILE A 112 -3.55 9.49 4.03
N GLY A 113 -3.30 9.61 5.32
CA GLY A 113 -4.30 10.06 6.30
C GLY A 113 -4.46 11.57 6.41
N PRO A 114 -3.47 12.25 7.01
CA PRO A 114 -3.58 13.70 7.20
C PRO A 114 -3.56 14.48 5.89
N GLN A 115 -4.52 15.40 5.77
CA GLN A 115 -4.61 16.26 4.60
C GLN A 115 -3.34 17.01 4.31
N GLU A 116 -2.59 17.36 5.39
N GLU A 116 -2.62 17.32 5.39
CA GLU A 116 -1.34 18.12 5.24
CA GLU A 116 -1.39 18.04 5.37
C GLU A 116 -0.24 17.34 4.53
C GLU A 116 -0.37 17.38 4.44
N TYR A 117 -0.47 16.06 4.25
CA TYR A 117 0.49 15.26 3.46
C TYR A 117 0.00 14.89 2.08
N LEU A 118 -1.13 15.45 1.67
CA LEU A 118 -1.64 15.26 0.32
C LEU A 118 -1.13 16.36 -0.61
N GLY A 119 -1.15 16.05 -1.89
CA GLY A 119 -0.84 17.02 -2.93
C GLY A 119 0.58 17.45 -3.06
N GLN A 120 1.50 16.69 -2.49
CA GLN A 120 2.90 17.05 -2.50
C GLN A 120 3.82 16.02 -3.16
N GLY A 121 3.24 15.06 -3.84
CA GLY A 121 3.98 13.99 -4.51
C GLY A 121 4.63 12.98 -3.56
N LEU A 122 4.27 13.02 -2.29
CA LEU A 122 4.88 12.15 -1.27
C LEU A 122 4.47 10.71 -1.41
N ILE A 123 3.34 10.40 -2.05
CA ILE A 123 3.01 8.98 -2.25
C ILE A 123 4.08 8.23 -3.04
N TYR A 124 4.75 8.86 -3.99
CA TYR A 124 5.76 8.14 -4.81
C TYR A 124 6.92 7.57 -4.04
N PRO A 125 7.68 8.40 -3.30
CA PRO A 125 8.80 7.81 -2.55
C PRO A 125 8.36 6.75 -1.52
N LEU A 126 7.20 6.95 -0.90
CA LEU A 126 6.68 6.00 0.09
C LEU A 126 6.31 4.67 -0.57
N LEU A 127 5.52 4.73 -1.63
CA LEU A 127 5.13 3.53 -2.33
C LEU A 127 6.34 2.80 -2.92
N LEU A 128 7.28 3.52 -3.52
CA LEU A 128 8.45 2.89 -4.08
C LEU A 128 9.23 2.19 -3.00
N ALA A 129 9.35 2.81 -1.82
CA ALA A 129 10.10 2.18 -0.71
C ALA A 129 9.48 0.87 -0.21
N ILE A 130 8.19 0.87 0.05
CA ILE A 130 7.53 -0.33 0.55
C ILE A 130 7.49 -1.41 -0.53
N GLN A 132 9.76 -1.91 -2.85
CA GLN A 132 11.09 -2.44 -2.88
C GLN A 132 11.28 -3.47 -1.75
N GLN A 133 10.81 -3.17 -0.55
N GLN A 133 10.81 -3.14 -0.55
CA GLN A 133 11.01 -4.11 0.56
CA GLN A 133 10.94 -4.05 0.57
C GLN A 133 10.11 -5.36 0.45
C GLN A 133 10.22 -5.37 0.26
N LYS A 134 8.95 -5.24 -0.16
CA LYS A 134 8.12 -6.40 -0.45
C LYS A 134 8.76 -7.28 -1.53
N PHE A 135 9.38 -6.67 -2.54
CA PHE A 135 10.05 -7.42 -3.62
C PHE A 135 11.31 -8.14 -3.17
N GLN A 136 11.79 -7.90 -1.93
CA GLN A 136 12.95 -8.65 -1.49
C GLN A 136 12.61 -10.07 -1.09
N GLU A 137 11.33 -10.41 -0.97
CA GLU A 137 10.94 -11.83 -0.83
C GLU A 137 11.43 -12.56 -2.10
N PRO A 138 12.35 -13.55 -1.97
CA PRO A 138 12.95 -14.10 -3.22
C PRO A 138 11.97 -14.67 -4.25
N ASP A 139 10.90 -15.31 -3.81
CA ASP A 139 10.03 -15.93 -4.81
C ASP A 139 8.91 -15.01 -5.28
N THR A 140 8.80 -13.82 -4.71
CA THR A 140 7.77 -12.88 -5.21
C THR A 140 8.25 -12.15 -6.46
N ASN A 141 7.54 -12.38 -7.58
CA ASN A 141 7.87 -11.70 -8.84
C ASN A 141 6.86 -10.66 -9.24
N THR A 142 5.71 -10.66 -8.58
CA THR A 142 4.60 -9.79 -8.96
C THR A 142 3.92 -9.24 -7.74
N ILE A 143 3.64 -7.94 -7.76
CA ILE A 143 2.82 -7.29 -6.75
C ILE A 143 1.59 -6.72 -7.45
N VAL A 144 0.41 -6.93 -6.87
CA VAL A 144 -0.84 -6.48 -7.42
C VAL A 144 -1.49 -5.42 -6.53
N ALA A 145 -2.35 -4.65 -7.18
CA ALA A 145 -3.15 -3.59 -6.54
C ALA A 145 -4.51 -3.61 -7.26
N GLU A 146 -5.57 -3.26 -6.50
CA GLU A 146 -6.93 -3.18 -7.04
C GLU A 146 -7.63 -1.91 -6.56
N PRO A 147 -7.08 -0.73 -6.94
CA PRO A 147 -7.71 0.51 -6.60
C PRO A 147 -9.15 0.55 -7.11
N ASP A 148 -10.06 1.21 -6.40
CA ASP A 148 -11.37 1.50 -6.92
C ASP A 148 -11.20 2.08 -8.33
N ARG A 149 -12.01 1.63 -9.30
CA ARG A 149 -11.84 2.10 -10.67
C ARG A 149 -12.03 3.62 -10.85
N ARG A 150 -12.67 4.24 -9.88
CA ARG A 150 -12.89 5.69 -9.90
C ARG A 150 -11.71 6.50 -9.35
N ASN A 151 -10.75 5.85 -8.72
CA ASN A 151 -9.62 6.55 -8.11
C ASN A 151 -8.56 6.79 -9.18
N LYS A 152 -8.85 7.74 -10.05
CA LYS A 152 -7.97 8.04 -11.18
C LYS A 152 -6.56 8.43 -10.71
N LYS A 153 -6.46 9.21 -9.64
CA LYS A 153 -5.15 9.62 -9.11
C LYS A 153 -4.30 8.41 -8.74
N ILE A 155 -4.69 5.21 -9.66
CA ILE A 155 -4.42 4.42 -10.86
C ILE A 155 -3.20 5.06 -11.58
N HIS A 156 -3.19 6.37 -11.70
CA HIS A 156 -2.04 7.06 -12.30
C HIS A 156 -0.72 6.81 -11.55
N VAL A 157 -0.76 6.96 -10.23
CA VAL A 157 0.41 6.76 -9.39
C VAL A 157 0.93 5.32 -9.59
N PHE A 158 0.02 4.34 -9.51
CA PHE A 158 0.40 2.94 -9.71
C PHE A 158 1.03 2.75 -11.10
N LYS A 159 0.44 3.29 -12.15
CA LYS A 159 1.05 3.18 -13.48
C LYS A 159 2.47 3.75 -13.51
N LYS A 160 2.67 4.91 -12.87
CA LYS A 160 3.97 5.58 -12.85
C LYS A 160 4.99 4.72 -12.13
N CYS A 161 4.55 3.89 -11.19
CA CYS A 161 5.44 2.96 -10.47
C CYS A 161 5.62 1.60 -11.11
N GLY A 162 5.09 1.39 -12.31
CA GLY A 162 5.31 0.14 -13.03
C GLY A 162 4.11 -0.79 -13.16
N PHE A 163 3.03 -0.48 -12.47
CA PHE A 163 1.80 -1.29 -12.53
C PHE A 163 1.14 -1.17 -13.90
N GLN A 164 0.75 -2.31 -14.43
CA GLN A 164 -0.01 -2.40 -15.68
C GLN A 164 -1.45 -2.80 -15.38
N PRO A 165 -2.43 -2.06 -15.92
CA PRO A 165 -3.83 -2.48 -15.70
C PRO A 165 -4.14 -3.79 -16.44
N VAL A 166 -4.92 -4.64 -15.79
CA VAL A 166 -5.33 -5.92 -16.35
C VAL A 166 -6.82 -5.84 -16.73
N LYS A 167 -7.71 -5.61 -15.77
CA LYS A 167 -9.13 -5.67 -15.96
C LYS A 167 -9.84 -5.22 -14.71
N GLU A 168 -11.10 -4.88 -14.86
CA GLU A 168 -11.92 -4.60 -13.71
C GLU A 168 -12.18 -5.90 -12.94
N VAL A 169 -12.33 -5.73 -11.64
CA VAL A 169 -12.71 -6.81 -10.74
C VAL A 169 -13.92 -6.38 -9.88
N GLU A 170 -14.97 -7.15 -10.02
CA GLU A 170 -16.22 -6.95 -9.28
C GLU A 170 -16.07 -7.53 -7.90
N LEU A 171 -15.59 -6.73 -6.96
CA LEU A 171 -15.33 -7.15 -5.60
C LEU A 171 -16.58 -6.83 -4.78
N PRO A 172 -16.69 -7.40 -3.56
CA PRO A 172 -17.89 -7.11 -2.75
C PRO A 172 -18.08 -5.61 -2.45
N ASP A 173 -16.98 -4.88 -2.30
CA ASP A 173 -17.03 -3.49 -1.91
C ASP A 173 -16.83 -2.43 -2.97
N LYS A 174 -16.48 -2.85 -4.17
CA LYS A 174 -16.18 -1.90 -5.21
C LYS A 174 -15.99 -2.61 -6.54
N ILE A 175 -15.94 -1.82 -7.59
CA ILE A 175 -15.40 -2.31 -8.83
C ILE A 175 -13.95 -1.77 -8.83
N GLY A 176 -13.00 -2.67 -8.68
CA GLY A 176 -11.61 -2.30 -8.69
C GLY A 176 -11.02 -2.45 -10.08
N LEU A 177 -9.83 -1.88 -10.27
CA LEU A 177 -9.04 -2.07 -11.47
C LEU A 177 -7.86 -2.91 -11.01
N LEU A 178 -7.85 -4.19 -11.39
CA LEU A 178 -6.72 -5.06 -11.08
C LEU A 178 -5.51 -4.60 -11.90
N LYS A 180 -1.06 -5.14 -12.13
CA LYS A 180 0.08 -5.98 -11.77
C LYS A 180 1.38 -5.29 -12.03
N CYS A 181 2.30 -5.38 -11.06
CA CYS A 181 3.64 -4.83 -11.19
C CYS A 181 4.64 -5.99 -11.10
N GLU A 182 5.37 -6.23 -12.19
CA GLU A 182 6.38 -7.25 -12.29
C GLU A 182 7.68 -6.69 -11.75
N GLN A 183 8.47 -7.51 -11.08
CA GLN A 183 9.66 -6.96 -10.46
C GLN A 183 10.66 -6.29 -11.41
N ASN A 184 10.90 -6.84 -12.60
N ASN A 184 10.85 -6.84 -12.61
CA ASN A 184 11.90 -6.27 -13.52
CA ASN A 184 11.82 -6.30 -13.57
C ASN A 184 11.46 -4.84 -13.92
C ASN A 184 11.45 -4.87 -13.96
N VAL A 185 10.15 -4.64 -14.13
CA VAL A 185 9.62 -3.33 -14.49
C VAL A 185 9.80 -2.37 -13.29
N PHE A 186 9.42 -2.84 -12.11
CA PHE A 186 9.55 -2.04 -10.89
C PHE A 186 10.97 -1.54 -10.63
N GLU A 187 11.95 -2.44 -10.71
N GLU A 187 11.94 -2.44 -10.74
CA GLU A 187 13.35 -2.08 -10.44
CA GLU A 187 13.33 -2.11 -10.46
C GLU A 187 13.82 -0.99 -11.42
C GLU A 187 13.84 -1.03 -11.43
N LYS A 188 13.39 -1.07 -12.68
CA LYS A 188 13.70 -0.02 -13.66
C LYS A 188 13.06 1.32 -13.20
N ARG A 189 11.81 1.33 -12.76
CA ARG A 189 11.14 2.56 -12.31
C ARG A 189 11.74 3.08 -11.04
N TRP A 190 12.12 2.19 -10.12
CA TRP A 190 12.77 2.58 -8.85
C TRP A 190 14.10 3.20 -9.16
N SER A 191 14.85 2.61 -10.07
N SER A 191 14.83 2.58 -10.09
CA SER A 191 16.14 3.17 -10.48
CA SER A 191 16.11 3.07 -10.60
C SER A 191 15.96 4.52 -11.21
C SER A 191 15.95 4.48 -11.19
N ASP A 192 14.97 4.64 -12.09
CA ASP A 192 14.65 5.95 -12.71
C ASP A 192 14.42 7.01 -11.63
N TRP A 193 13.61 6.68 -10.62
CA TRP A 193 13.32 7.58 -9.51
C TRP A 193 14.62 8.07 -8.81
N LYS A 194 15.45 7.12 -8.42
CA LYS A 194 16.67 7.39 -7.68
C LYS A 194 17.70 8.09 -8.54
N ASN A 196 16.91 10.38 -10.72
CA ASN A 196 16.31 11.66 -11.13
C ASN A 196 15.80 11.67 -12.58
N LYS A 197 15.30 10.53 -13.05
CA LYS A 197 14.73 10.41 -14.41
C LYS A 197 13.34 9.73 -14.39
N PHE A 198 12.60 9.92 -13.32
CA PHE A 198 11.30 9.26 -13.17
C PHE A 198 10.29 9.83 -14.16
#